data_3EZ7
#
_entry.id   3EZ7
#
_cell.length_a   145.300
_cell.length_b   145.300
_cell.length_c   126.200
_cell.angle_alpha   90.00
_cell.angle_beta   90.00
_cell.angle_gamma   90.00
#
_symmetry.space_group_name_H-M   'I 41 2 2'
#
loop_
_entity.id
_entity.type
_entity.pdbx_description
1 polymer 'Plasmid partition protein A'
2 water water
#
_entity_poly.entity_id   1
_entity_poly.type   'polypeptide(L)'
_entity_poly.pdbx_seq_one_letter_code
;MSDSSQLHKVAQRANRMLNVLTEQVQLQKDELHANEFYQVYAKAALAKLPLLTRADVDYAVSEMEEKGYVFDKRPAGSSM
KYAMSIQNIIDIYEHRGTPKYRDRYSEAYVIFISNLKGGVSQTTSTVSLAHAMRAHPHLLMEDLRILVIDLDPQSSATMF
LSHKHSIGIVNATSAQAMLQNVSREELLEEFIVPSVVPGVDVMPASIDDAFIASDWRELCNEHLPGQNIHAVLKENVIDK
LKSDYDFILVDSGPHLDAFLKNALASANILFTPLPPATVDFHSSLKYVARLPELVKLISDEGCECQLATNIGFMSKLSNK
ADHKYCHSLAKEVFGGDMLDVFLPRLDGFERCGESFDTVISANPATYVGSADALKNARIAAEDFAKAVFDRIEFIRSN
;
_entity_poly.pdbx_strand_id   A
#
# COMPACT_ATOMS: atom_id res chain seq x y z
N SER A 4 6.02 42.71 -3.51
CA SER A 4 7.44 43.06 -3.79
C SER A 4 8.36 42.61 -2.65
N SER A 5 7.75 42.17 -1.55
CA SER A 5 8.48 41.69 -0.36
C SER A 5 9.11 40.32 -0.60
N GLN A 6 10.04 39.93 0.26
CA GLN A 6 10.70 38.64 0.11
C GLN A 6 9.71 37.49 0.14
N LEU A 7 8.73 37.61 1.02
CA LEU A 7 7.70 36.59 1.16
C LEU A 7 6.86 36.49 -0.09
N HIS A 8 6.61 37.63 -0.73
CA HIS A 8 5.81 37.64 -1.94
C HIS A 8 6.59 37.10 -3.15
N LYS A 9 7.86 37.47 -3.25
CA LYS A 9 8.66 37.00 -4.36
C LYS A 9 8.73 35.46 -4.39
N VAL A 10 9.16 34.90 -3.27
CA VAL A 10 9.28 33.45 -3.16
C VAL A 10 7.92 32.78 -3.42
N ALA A 11 6.85 33.45 -3.02
CA ALA A 11 5.51 32.93 -3.22
C ALA A 11 5.19 32.85 -4.71
N GLN A 12 5.71 33.82 -5.45
CA GLN A 12 5.45 33.84 -6.87
C GLN A 12 6.26 32.77 -7.58
N ARG A 13 7.51 32.56 -7.15
CA ARG A 13 8.31 31.51 -7.77
C ARG A 13 7.55 30.21 -7.52
N ALA A 14 7.16 29.98 -6.28
CA ALA A 14 6.42 28.79 -5.92
C ALA A 14 5.20 28.64 -6.84
N ASN A 15 4.59 29.77 -7.20
CA ASN A 15 3.44 29.65 -8.07
C ASN A 15 3.88 29.21 -9.45
N ARG A 16 4.99 29.75 -9.95
CA ARG A 16 5.48 29.34 -11.27
C ARG A 16 5.84 27.87 -11.28
N MET A 17 6.59 27.47 -10.26
CA MET A 17 6.99 26.09 -10.08
C MET A 17 5.79 25.18 -10.21
N LEU A 18 4.67 25.57 -9.62
CA LEU A 18 3.47 24.74 -9.71
C LEU A 18 2.98 24.62 -11.14
N ASN A 19 2.94 25.75 -11.84
CA ASN A 19 2.51 25.79 -13.23
C ASN A 19 3.30 24.87 -14.11
N VAL A 20 4.62 25.01 -14.04
CA VAL A 20 5.49 24.15 -14.83
C VAL A 20 5.18 22.68 -14.55
N LEU A 21 4.97 22.31 -13.30
CA LEU A 21 4.64 20.92 -13.01
C LEU A 21 3.27 20.57 -13.63
N THR A 22 2.36 21.52 -13.58
CA THR A 22 1.03 21.30 -14.15
C THR A 22 1.06 21.13 -15.66
N GLU A 23 1.77 22.01 -16.37
CA GLU A 23 1.87 21.91 -17.82
C GLU A 23 2.55 20.61 -18.29
N GLN A 24 3.61 20.20 -17.59
CA GLN A 24 4.31 18.99 -17.97
C GLN A 24 3.43 17.76 -17.94
N VAL A 25 2.66 17.63 -16.87
CA VAL A 25 1.81 16.46 -16.75
C VAL A 25 0.81 16.45 -17.90
N GLN A 26 0.54 17.62 -18.47
CA GLN A 26 -0.40 17.72 -19.60
C GLN A 26 0.26 17.15 -20.84
N LEU A 27 1.30 17.82 -21.29
CA LEU A 27 2.05 17.44 -22.46
C LEU A 27 2.37 15.93 -22.50
N GLN A 28 2.61 15.35 -21.32
CA GLN A 28 2.95 13.93 -21.22
C GLN A 28 1.79 12.98 -20.93
N LYS A 29 0.56 13.47 -20.98
CA LYS A 29 -0.55 12.59 -20.67
C LYS A 29 -1.59 12.35 -21.76
N ASP A 30 -1.57 13.13 -22.84
CA ASP A 30 -2.57 12.92 -23.91
C ASP A 30 -2.24 11.71 -24.79
N GLU A 31 -0.96 11.32 -24.81
CA GLU A 31 -0.56 10.16 -25.58
C GLU A 31 -0.73 9.00 -24.60
N LEU A 32 -0.97 9.38 -23.35
CA LEU A 32 -1.18 8.44 -22.26
C LEU A 32 -2.62 7.94 -22.29
N HIS A 33 -3.56 8.79 -22.72
CA HIS A 33 -4.96 8.40 -22.79
C HIS A 33 -5.27 7.73 -24.14
N ALA A 34 -4.20 7.51 -24.90
CA ALA A 34 -4.27 6.84 -26.20
C ALA A 34 -4.22 5.35 -25.89
N ASN A 35 -4.16 5.04 -24.60
CA ASN A 35 -4.13 3.67 -24.07
C ASN A 35 -4.65 3.74 -22.64
N GLU A 36 -3.90 4.44 -21.79
CA GLU A 36 -4.26 4.63 -20.39
C GLU A 36 -4.71 3.35 -19.69
N PHE A 37 -3.74 2.50 -19.35
CA PHE A 37 -4.03 1.25 -18.66
C PHE A 37 -2.81 0.54 -18.08
N TYR A 38 -1.71 0.49 -18.81
CA TYR A 38 -0.54 -0.18 -18.28
C TYR A 38 0.76 -0.18 -19.11
N GLN A 39 1.69 -1.06 -18.77
CA GLN A 39 2.99 -1.16 -19.46
C GLN A 39 3.32 -2.59 -19.93
N VAL A 40 4.23 -2.67 -20.91
CA VAL A 40 4.57 -3.95 -21.52
C VAL A 40 6.04 -4.34 -21.66
N TYR A 41 6.25 -5.58 -22.13
CA TYR A 41 7.59 -6.14 -22.35
C TYR A 41 7.96 -6.24 -23.84
N ALA A 42 9.26 -6.21 -24.10
CA ALA A 42 9.78 -6.30 -25.46
C ALA A 42 9.64 -7.75 -25.94
N LYS A 43 10.52 -8.12 -26.85
CA LYS A 43 10.51 -9.47 -27.41
C LYS A 43 11.56 -10.33 -26.75
N ALA A 44 12.82 -9.94 -26.93
CA ALA A 44 13.93 -10.66 -26.35
C ALA A 44 13.88 -10.59 -24.83
N ALA A 45 13.12 -9.63 -24.30
CA ALA A 45 13.00 -9.44 -22.86
C ALA A 45 12.45 -10.68 -22.20
N LEU A 46 11.47 -11.28 -22.85
CA LEU A 46 10.87 -12.49 -22.30
C LEU A 46 11.90 -13.60 -22.09
N ALA A 47 13.05 -13.46 -22.75
CA ALA A 47 14.13 -14.46 -22.64
C ALA A 47 14.62 -14.65 -21.20
N LYS A 48 15.05 -13.53 -20.62
CA LYS A 48 15.57 -13.49 -19.26
C LYS A 48 14.51 -13.84 -18.20
N LEU A 49 13.26 -14.00 -18.61
CA LEU A 49 12.21 -14.36 -17.67
C LEU A 49 12.32 -15.85 -17.36
N PRO A 50 11.61 -16.34 -16.33
CA PRO A 50 11.63 -17.74 -15.91
C PRO A 50 11.61 -18.85 -16.98
N LEU A 51 10.63 -19.75 -16.89
CA LEU A 51 10.53 -20.89 -17.79
C LEU A 51 10.49 -20.56 -19.28
N LEU A 52 11.10 -19.46 -19.69
CA LEU A 52 11.09 -19.08 -21.09
C LEU A 52 12.49 -18.78 -21.60
N THR A 53 12.76 -19.29 -22.80
CA THR A 53 14.06 -19.11 -23.44
C THR A 53 13.86 -18.47 -24.82
N ARG A 54 14.85 -17.67 -25.24
CA ARG A 54 14.80 -16.97 -26.52
C ARG A 54 13.99 -17.71 -27.57
N ALA A 55 14.44 -18.92 -27.89
CA ALA A 55 13.79 -19.72 -28.90
C ALA A 55 12.42 -20.25 -28.47
N ASP A 56 12.40 -21.10 -27.45
CA ASP A 56 11.16 -21.72 -26.97
C ASP A 56 9.96 -20.77 -26.89
N VAL A 57 10.20 -19.49 -27.14
CA VAL A 57 9.14 -18.50 -27.15
C VAL A 57 9.16 -17.81 -28.51
N ASP A 58 10.31 -17.21 -28.84
CA ASP A 58 10.50 -16.51 -30.10
C ASP A 58 9.92 -17.26 -31.28
N TYR A 59 10.33 -18.52 -31.44
CA TYR A 59 9.85 -19.34 -32.54
C TYR A 59 8.49 -19.93 -32.22
N ALA A 60 8.06 -19.79 -30.97
CA ALA A 60 6.77 -20.34 -30.55
C ALA A 60 5.63 -19.36 -30.76
N VAL A 61 5.93 -18.08 -30.55
CA VAL A 61 4.96 -17.02 -30.72
C VAL A 61 4.60 -16.90 -32.19
N SER A 62 5.60 -17.16 -33.03
CA SER A 62 5.45 -17.13 -34.48
C SER A 62 4.34 -18.12 -34.87
N GLU A 63 4.11 -19.11 -34.01
CA GLU A 63 3.08 -20.10 -34.26
C GLU A 63 1.72 -19.61 -33.80
N MET A 64 1.70 -18.94 -32.65
CA MET A 64 0.45 -18.41 -32.10
C MET A 64 -0.10 -17.38 -33.06
N GLU A 65 0.78 -16.44 -33.40
CA GLU A 65 0.48 -15.32 -34.29
C GLU A 65 -0.42 -15.66 -35.47
N GLU A 66 -0.22 -16.81 -36.08
CA GLU A 66 -1.01 -17.21 -37.23
C GLU A 66 -1.95 -18.41 -37.06
N LYS A 67 -2.26 -18.77 -35.82
CA LYS A 67 -3.16 -19.88 -35.56
C LYS A 67 -3.84 -19.68 -34.23
N GLY A 68 -3.81 -18.42 -33.78
CA GLY A 68 -4.41 -18.04 -32.52
C GLY A 68 -4.86 -16.58 -32.47
N TYR A 69 -4.04 -15.70 -31.89
CA TYR A 69 -4.42 -14.30 -31.81
C TYR A 69 -3.34 -13.24 -32.11
N VAL A 70 -3.46 -12.07 -31.47
CA VAL A 70 -2.55 -10.95 -31.73
C VAL A 70 -1.54 -10.48 -30.68
N PHE A 71 -0.78 -9.44 -31.05
CA PHE A 71 0.27 -8.83 -30.22
C PHE A 71 0.54 -7.44 -30.79
N ASP A 72 1.24 -6.57 -30.07
CA ASP A 72 1.52 -5.21 -30.56
C ASP A 72 2.89 -4.98 -31.17
N LYS A 73 3.11 -3.78 -31.70
CA LYS A 73 4.41 -3.44 -32.32
C LYS A 73 4.60 -1.94 -32.66
N ARG A 74 5.80 -1.61 -33.15
CA ARG A 74 6.20 -0.25 -33.55
C ARG A 74 7.66 -0.38 -34.07
N PRO A 75 7.95 0.16 -35.28
CA PRO A 75 9.29 0.06 -35.85
C PRO A 75 10.45 0.85 -35.23
N ALA A 76 11.57 0.84 -35.95
CA ALA A 76 12.79 1.54 -35.55
C ALA A 76 13.69 1.64 -36.79
N GLY A 77 13.06 1.84 -37.95
CA GLY A 77 13.80 1.91 -39.21
C GLY A 77 13.66 0.62 -39.98
N SER A 78 14.67 -0.25 -39.85
CA SER A 78 14.70 -1.55 -40.52
C SER A 78 14.45 -2.65 -39.47
N SER A 79 13.97 -2.24 -38.30
CA SER A 79 13.68 -3.15 -37.19
C SER A 79 12.27 -2.94 -36.64
N MET A 80 11.56 -4.05 -36.39
CA MET A 80 10.19 -4.02 -35.84
C MET A 80 10.16 -4.55 -34.40
N LYS A 81 9.74 -3.71 -33.46
CA LYS A 81 9.68 -4.08 -32.04
C LYS A 81 8.30 -4.54 -31.57
N TYR A 82 8.25 -5.46 -30.62
CA TYR A 82 6.98 -5.94 -30.08
C TYR A 82 6.71 -5.28 -28.71
N ALA A 83 5.46 -5.38 -28.26
CA ALA A 83 5.02 -4.83 -26.98
C ALA A 83 4.11 -5.88 -26.35
N MET A 84 4.70 -6.72 -25.51
CA MET A 84 3.94 -7.78 -24.86
C MET A 84 3.25 -7.36 -23.55
N SER A 85 1.95 -7.56 -23.50
CA SER A 85 1.20 -7.23 -22.31
C SER A 85 1.33 -8.37 -21.30
N ILE A 86 0.97 -8.06 -20.06
CA ILE A 86 1.01 -9.03 -18.97
C ILE A 86 0.04 -10.16 -19.28
N GLN A 87 -0.91 -9.88 -20.16
CA GLN A 87 -1.88 -10.90 -20.56
C GLN A 87 -1.18 -11.69 -21.67
N ASN A 88 -0.48 -10.97 -22.54
CA ASN A 88 0.26 -11.64 -23.61
C ASN A 88 1.10 -12.72 -22.93
N ILE A 89 2.06 -12.26 -22.12
CA ILE A 89 2.96 -13.13 -21.38
C ILE A 89 2.19 -14.20 -20.62
N ILE A 90 1.13 -13.82 -19.91
CA ILE A 90 0.38 -14.84 -19.17
C ILE A 90 -0.13 -15.94 -20.10
N ASP A 91 -0.33 -15.56 -21.36
CA ASP A 91 -0.82 -16.47 -22.40
C ASP A 91 0.28 -17.40 -22.90
N ILE A 92 1.43 -16.83 -23.27
CA ILE A 92 2.54 -17.66 -23.73
C ILE A 92 2.77 -18.77 -22.70
N TYR A 93 2.79 -18.42 -21.41
CA TYR A 93 2.95 -19.41 -20.37
C TYR A 93 1.80 -20.41 -20.46
N GLU A 94 0.67 -19.96 -21.00
CA GLU A 94 -0.51 -20.79 -21.12
C GLU A 94 -0.30 -21.78 -22.25
N HIS A 95 0.07 -21.25 -23.41
CA HIS A 95 0.31 -22.08 -24.58
C HIS A 95 1.53 -22.97 -24.38
N ARG A 96 2.43 -22.52 -23.51
CA ARG A 96 3.65 -23.25 -23.21
C ARG A 96 3.34 -24.32 -22.16
N GLY A 97 2.06 -24.42 -21.79
CA GLY A 97 1.63 -25.42 -20.83
C GLY A 97 1.97 -25.31 -19.36
N THR A 98 2.76 -24.29 -18.96
CA THR A 98 3.17 -24.11 -17.55
C THR A 98 1.95 -23.77 -16.68
N PRO A 99 1.67 -24.58 -15.65
CA PRO A 99 0.52 -24.38 -14.75
C PRO A 99 0.50 -23.10 -13.93
N LYS A 100 -0.69 -22.53 -13.81
CA LYS A 100 -0.88 -21.29 -13.07
C LYS A 100 -1.12 -21.57 -11.59
N TYR A 101 -0.88 -20.58 -10.73
CA TYR A 101 -1.07 -20.74 -9.27
C TYR A 101 -2.45 -21.34 -8.99
N ARG A 102 -3.42 -20.95 -9.80
CA ARG A 102 -4.79 -21.44 -9.66
C ARG A 102 -4.84 -22.97 -9.76
N ASP A 103 -3.88 -23.55 -10.48
CA ASP A 103 -3.82 -25.00 -10.68
C ASP A 103 -3.31 -25.81 -9.52
N ARG A 104 -2.33 -25.29 -8.76
CA ARG A 104 -1.79 -26.02 -7.63
C ARG A 104 -2.52 -25.73 -6.30
N TYR A 105 -3.48 -24.80 -6.30
CA TYR A 105 -4.26 -24.44 -5.09
C TYR A 105 -5.69 -24.09 -5.49
N SER A 106 -6.67 -24.73 -4.86
CA SER A 106 -8.07 -24.49 -5.20
C SER A 106 -8.72 -23.21 -4.62
N GLU A 107 -8.82 -23.11 -3.31
CA GLU A 107 -9.42 -21.92 -2.70
C GLU A 107 -8.52 -20.67 -2.74
N ALA A 108 -8.95 -19.62 -2.04
CA ALA A 108 -8.20 -18.37 -2.01
C ALA A 108 -7.51 -18.25 -0.67
N TYR A 109 -6.24 -17.86 -0.70
CA TYR A 109 -5.46 -17.69 0.52
C TYR A 109 -5.67 -16.26 1.01
N VAL A 110 -6.08 -16.11 2.27
CA VAL A 110 -6.32 -14.79 2.86
C VAL A 110 -5.13 -14.22 3.66
N ILE A 111 -4.69 -13.02 3.28
CA ILE A 111 -3.59 -12.35 3.97
C ILE A 111 -4.09 -11.09 4.70
N PHE A 112 -4.02 -11.05 6.02
CA PHE A 112 -4.46 -9.85 6.71
C PHE A 112 -3.34 -8.89 7.10
N ILE A 113 -3.14 -7.83 6.31
CA ILE A 113 -2.12 -6.83 6.63
C ILE A 113 -2.65 -5.81 7.63
N SER A 114 -2.29 -5.98 8.90
CA SER A 114 -2.76 -5.06 9.93
C SER A 114 -2.18 -3.67 9.77
N ASN A 115 -2.98 -2.69 10.18
CA ASN A 115 -2.62 -1.29 10.08
C ASN A 115 -2.57 -0.68 11.46
N LEU A 116 -1.36 -0.51 11.97
CA LEU A 116 -1.18 0.05 13.30
C LEU A 116 -1.41 1.55 13.29
N LYS A 117 -0.88 2.20 12.25
CA LYS A 117 -1.06 3.63 12.08
C LYS A 117 -2.58 3.88 11.82
N GLY A 118 -3.08 5.03 12.25
CA GLY A 118 -4.48 5.34 12.04
C GLY A 118 -4.70 6.20 10.80
N GLY A 119 -4.01 5.83 9.71
CA GLY A 119 -4.11 6.55 8.45
C GLY A 119 -4.42 5.58 7.32
N VAL A 120 -5.39 5.92 6.48
CA VAL A 120 -5.80 5.06 5.37
C VAL A 120 -4.65 4.86 4.39
N SER A 121 -3.58 5.60 4.62
CA SER A 121 -2.39 5.53 3.77
C SER A 121 -1.95 4.09 3.56
N GLN A 122 -2.51 3.18 4.35
CA GLN A 122 -2.16 1.78 4.22
C GLN A 122 -2.89 1.12 3.05
N THR A 123 -4.00 1.69 2.63
CA THR A 123 -4.73 1.13 1.50
C THR A 123 -3.90 1.20 0.21
N THR A 124 -3.15 2.27 0.04
CA THR A 124 -2.29 2.45 -1.13
C THR A 124 -1.14 1.48 -1.16
N SER A 125 -0.49 1.28 -0.02
CA SER A 125 0.62 0.35 0.03
C SER A 125 0.09 -1.07 -0.18
N THR A 126 -1.05 -1.42 0.42
CA THR A 126 -1.61 -2.77 0.24
C THR A 126 -1.88 -3.03 -1.23
N VAL A 127 -2.69 -2.18 -1.86
CA VAL A 127 -2.94 -2.35 -3.28
C VAL A 127 -1.58 -2.33 -3.96
N SER A 128 -0.68 -1.52 -3.45
CA SER A 128 0.65 -1.52 -4.05
C SER A 128 1.24 -2.94 -3.95
N LEU A 129 1.11 -3.58 -2.80
CA LEU A 129 1.63 -4.93 -2.63
C LEU A 129 1.00 -5.79 -3.70
N ALA A 130 -0.33 -5.77 -3.80
CA ALA A 130 -1.02 -6.58 -4.81
C ALA A 130 -0.55 -6.29 -6.23
N HIS A 131 -0.43 -5.04 -6.61
CA HIS A 131 0.03 -4.78 -7.97
C HIS A 131 1.40 -5.35 -8.20
N ALA A 132 2.21 -5.41 -7.14
CA ALA A 132 3.58 -5.93 -7.24
C ALA A 132 3.67 -7.46 -7.35
N MET A 133 2.72 -8.15 -6.72
CA MET A 133 2.65 -9.60 -6.74
C MET A 133 1.94 -10.11 -8.01
N ARG A 134 1.63 -9.21 -8.92
CA ARG A 134 0.91 -9.59 -10.10
C ARG A 134 1.76 -9.27 -11.30
N ALA A 135 2.46 -8.15 -11.23
CA ALA A 135 3.33 -7.71 -12.30
C ALA A 135 4.74 -8.16 -12.06
N HIS A 136 4.92 -9.05 -11.09
CA HIS A 136 6.28 -9.48 -10.81
C HIS A 136 6.82 -10.34 -11.95
N PRO A 137 7.94 -9.89 -12.57
CA PRO A 137 8.57 -10.61 -13.68
C PRO A 137 8.59 -12.12 -13.47
N HIS A 138 8.87 -12.57 -12.25
CA HIS A 138 8.93 -13.99 -11.98
C HIS A 138 7.69 -14.55 -11.28
N LEU A 139 6.56 -13.87 -11.42
CA LEU A 139 5.32 -14.35 -10.83
C LEU A 139 4.23 -14.37 -11.90
N LEU A 140 4.53 -13.74 -13.05
CA LEU A 140 3.58 -13.66 -14.17
C LEU A 140 2.99 -15.04 -14.49
N MET A 141 3.88 -16.02 -14.59
CA MET A 141 3.51 -17.40 -14.88
C MET A 141 2.48 -18.00 -13.90
N GLU A 142 1.98 -17.20 -12.98
CA GLU A 142 1.03 -17.70 -12.00
C GLU A 142 -0.37 -17.20 -12.25
N ASP A 143 -0.49 -16.16 -13.06
CA ASP A 143 -1.78 -15.55 -13.38
C ASP A 143 -2.63 -15.61 -12.12
N LEU A 144 -2.32 -14.72 -11.17
CA LEU A 144 -3.05 -14.72 -9.90
C LEU A 144 -4.07 -13.61 -9.77
N ARG A 145 -5.20 -13.99 -9.17
CA ARG A 145 -6.32 -13.10 -8.98
C ARG A 145 -6.32 -12.58 -7.56
N ILE A 146 -5.86 -11.33 -7.40
CA ILE A 146 -5.78 -10.69 -6.10
C ILE A 146 -6.91 -9.69 -5.85
N LEU A 147 -7.59 -9.87 -4.74
CA LEU A 147 -8.65 -8.97 -4.34
C LEU A 147 -8.26 -8.29 -3.01
N VAL A 148 -8.15 -6.96 -3.01
CA VAL A 148 -7.82 -6.18 -1.81
C VAL A 148 -9.11 -5.69 -1.19
N ILE A 149 -9.50 -6.24 -0.07
CA ILE A 149 -10.70 -5.79 0.61
C ILE A 149 -10.26 -4.67 1.56
N ASP A 150 -10.65 -3.43 1.24
CA ASP A 150 -10.30 -2.32 2.11
C ASP A 150 -11.31 -2.17 3.25
N LEU A 151 -10.86 -2.40 4.47
CA LEU A 151 -11.72 -2.29 5.62
C LEU A 151 -11.07 -1.32 6.60
N ASP A 152 -10.47 -0.28 6.07
CA ASP A 152 -9.79 0.72 6.87
C ASP A 152 -10.12 2.14 6.39
N PRO A 153 -11.17 2.75 6.97
CA PRO A 153 -11.61 4.12 6.64
C PRO A 153 -10.73 5.17 7.32
N GLN A 154 -10.67 6.37 6.75
CA GLN A 154 -9.86 7.46 7.34
C GLN A 154 -10.37 8.89 7.08
N SER A 155 -9.49 9.88 7.21
CA SER A 155 -9.90 11.28 7.00
C SER A 155 -9.09 12.09 5.99
N SER A 156 -8.20 12.96 6.46
CA SER A 156 -7.37 13.78 5.57
C SER A 156 -6.68 12.86 4.56
N ALA A 157 -6.09 11.78 5.08
CA ALA A 157 -5.41 10.80 4.24
C ALA A 157 -6.38 10.43 3.10
N THR A 158 -7.46 9.75 3.47
CA THR A 158 -8.50 9.31 2.53
C THR A 158 -9.06 10.49 1.71
N ALA A 172 -20.75 0.39 -2.64
CA ALA A 172 -19.53 -0.29 -3.07
C ALA A 172 -18.58 -0.54 -1.89
N THR A 173 -19.11 -0.49 -0.66
CA THR A 173 -18.31 -0.67 0.54
C THR A 173 -18.21 -2.09 1.08
N SER A 174 -17.00 -2.45 1.53
CA SER A 174 -16.74 -3.76 2.09
C SER A 174 -17.59 -3.98 3.33
N ALA A 175 -17.74 -2.94 4.14
CA ALA A 175 -18.54 -3.03 5.36
C ALA A 175 -20.00 -3.17 4.98
N GLN A 176 -20.40 -2.56 3.87
CA GLN A 176 -21.79 -2.64 3.39
C GLN A 176 -22.04 -4.07 2.91
N ALA A 177 -21.24 -4.51 1.95
CA ALA A 177 -21.38 -5.84 1.41
C ALA A 177 -21.46 -6.84 2.57
N MET A 178 -20.71 -6.60 3.63
CA MET A 178 -20.73 -7.48 4.79
C MET A 178 -22.08 -7.55 5.48
N LEU A 179 -22.68 -6.39 5.71
CA LEU A 179 -23.98 -6.31 6.38
C LEU A 179 -25.13 -6.90 5.60
N GLN A 180 -25.09 -6.75 4.28
CA GLN A 180 -26.13 -7.28 3.42
C GLN A 180 -25.87 -8.78 3.17
N ASN A 181 -25.79 -9.19 1.90
CA ASN A 181 -25.52 -10.59 1.62
C ASN A 181 -25.51 -10.87 0.15
N VAL A 182 -25.27 -9.83 -0.63
CA VAL A 182 -25.21 -9.98 -2.08
C VAL A 182 -24.46 -11.29 -2.34
N SER A 183 -25.02 -12.19 -3.12
CA SER A 183 -24.31 -13.44 -3.37
C SER A 183 -23.33 -13.26 -4.51
N ARG A 184 -22.22 -14.00 -4.40
CA ARG A 184 -21.13 -13.96 -5.36
C ARG A 184 -21.30 -12.94 -6.50
N GLU A 185 -22.08 -13.32 -7.51
CA GLU A 185 -22.32 -12.47 -8.69
C GLU A 185 -22.59 -11.02 -8.35
N GLU A 186 -23.29 -10.81 -7.25
CA GLU A 186 -23.62 -9.46 -6.80
C GLU A 186 -22.38 -8.74 -6.29
N LEU A 187 -21.64 -9.41 -5.41
CA LEU A 187 -20.40 -8.85 -4.89
C LEU A 187 -19.53 -8.50 -6.07
N LEU A 188 -19.53 -9.37 -7.07
CA LEU A 188 -18.72 -9.18 -8.27
C LEU A 188 -19.10 -8.05 -9.19
N GLU A 189 -20.39 -7.78 -9.33
CA GLU A 189 -20.80 -6.71 -10.22
C GLU A 189 -21.16 -5.42 -9.50
N GLU A 190 -21.62 -5.54 -8.26
CA GLU A 190 -22.00 -4.37 -7.48
C GLU A 190 -20.97 -3.78 -6.50
N PHE A 191 -20.07 -4.60 -5.98
CA PHE A 191 -19.07 -4.10 -5.03
C PHE A 191 -17.60 -4.07 -5.42
N ILE A 192 -17.13 -5.12 -6.08
CA ILE A 192 -15.74 -5.16 -6.46
C ILE A 192 -15.42 -4.34 -7.70
N VAL A 193 -14.40 -3.49 -7.56
CA VAL A 193 -13.92 -2.60 -8.61
C VAL A 193 -12.52 -2.95 -9.16
N PRO A 194 -12.33 -2.86 -10.48
CA PRO A 194 -11.03 -3.17 -11.06
C PRO A 194 -10.04 -2.02 -10.97
N SER A 195 -8.82 -2.29 -10.54
CA SER A 195 -7.80 -1.26 -10.43
C SER A 195 -7.06 -1.11 -11.76
N VAL A 196 -6.14 -0.16 -11.83
CA VAL A 196 -5.40 0.05 -13.07
C VAL A 196 -4.75 -1.24 -13.54
N VAL A 197 -4.25 -2.06 -12.60
CA VAL A 197 -3.60 -3.31 -12.97
C VAL A 197 -4.67 -4.38 -13.03
N PRO A 198 -4.91 -4.91 -14.24
CA PRO A 198 -5.93 -5.93 -14.51
C PRO A 198 -6.19 -7.08 -13.54
N GLY A 199 -5.15 -7.81 -13.16
CA GLY A 199 -5.43 -8.89 -12.24
C GLY A 199 -5.93 -8.51 -10.84
N VAL A 200 -5.70 -7.27 -10.43
CA VAL A 200 -6.10 -6.84 -9.10
C VAL A 200 -7.43 -6.13 -9.02
N ASP A 201 -8.25 -6.54 -8.06
CA ASP A 201 -9.57 -5.94 -7.83
C ASP A 201 -9.63 -5.45 -6.40
N VAL A 202 -10.38 -4.37 -6.18
CA VAL A 202 -10.54 -3.80 -4.85
C VAL A 202 -12.00 -3.74 -4.40
N MET A 203 -12.25 -3.89 -3.11
CA MET A 203 -13.59 -3.75 -2.58
C MET A 203 -13.31 -2.62 -1.59
N PRO A 204 -13.48 -1.36 -2.04
CA PRO A 204 -13.27 -0.10 -1.30
C PRO A 204 -14.04 0.12 0.01
N ALA A 205 -13.69 1.20 0.70
CA ALA A 205 -14.33 1.57 1.96
C ALA A 205 -14.46 3.08 2.10
N SER A 206 -15.46 3.55 2.84
CA SER A 206 -15.69 4.98 2.99
C SER A 206 -15.63 5.47 4.43
N ILE A 207 -15.61 6.80 4.62
CA ILE A 207 -15.55 7.31 5.98
C ILE A 207 -16.77 6.84 6.74
N ASP A 208 -17.79 6.44 6.00
CA ASP A 208 -19.04 5.97 6.60
C ASP A 208 -18.87 4.64 7.31
N ASP A 209 -17.96 3.82 6.79
CA ASP A 209 -17.70 2.50 7.36
C ASP A 209 -17.35 2.59 8.84
N ALA A 210 -16.65 3.67 9.22
CA ALA A 210 -16.27 3.87 10.61
C ALA A 210 -17.49 3.80 11.51
N PHE A 211 -18.58 4.39 11.06
CA PHE A 211 -19.81 4.35 11.84
C PHE A 211 -20.39 2.94 11.86
N ILE A 212 -20.23 2.19 10.77
CA ILE A 212 -20.78 0.84 10.76
C ILE A 212 -20.01 0.08 11.83
N ALA A 213 -18.70 0.28 11.82
CA ALA A 213 -17.80 -0.39 12.76
C ALA A 213 -18.13 0.01 14.20
N SER A 214 -18.34 1.31 14.39
CA SER A 214 -18.64 1.83 15.71
C SER A 214 -19.85 1.16 16.32
N ASP A 215 -20.86 0.87 15.48
CA ASP A 215 -22.07 0.27 15.98
C ASP A 215 -22.34 -1.14 15.47
N TRP A 216 -21.26 -1.84 15.15
CA TRP A 216 -21.33 -3.20 14.65
C TRP A 216 -22.25 -4.17 15.39
N ARG A 217 -22.37 -4.05 16.70
CA ARG A 217 -23.25 -4.96 17.44
C ARG A 217 -24.72 -4.78 17.05
N GLU A 218 -25.24 -3.55 17.16
CA GLU A 218 -26.63 -3.27 16.83
C GLU A 218 -26.89 -3.50 15.35
N LEU A 219 -26.08 -2.85 14.52
CA LEU A 219 -26.21 -2.97 13.08
C LEU A 219 -26.16 -4.44 12.66
N CYS A 220 -25.68 -5.31 13.54
CA CYS A 220 -25.65 -6.71 13.16
C CYS A 220 -27.00 -7.33 13.37
N ASN A 221 -27.41 -7.47 14.64
CA ASN A 221 -28.72 -8.04 14.98
C ASN A 221 -29.78 -7.71 13.94
N GLU A 222 -29.85 -6.44 13.56
CA GLU A 222 -30.80 -5.99 12.56
C GLU A 222 -30.52 -6.64 11.21
N HIS A 223 -29.72 -5.97 10.40
CA HIS A 223 -29.38 -6.44 9.05
C HIS A 223 -29.03 -7.93 8.84
N LEU A 224 -28.63 -8.64 9.89
CA LEU A 224 -28.32 -10.06 9.76
C LEU A 224 -28.22 -10.78 11.10
N PRO A 225 -29.38 -11.03 11.73
CA PRO A 225 -29.49 -11.70 13.04
C PRO A 225 -29.11 -13.17 12.99
N GLY A 226 -28.66 -13.69 14.12
CA GLY A 226 -28.26 -15.09 14.21
C GLY A 226 -26.82 -15.35 13.77
N GLN A 227 -26.21 -14.32 13.20
CA GLN A 227 -24.83 -14.38 12.72
C GLN A 227 -23.79 -14.16 13.81
N ASN A 228 -22.60 -14.68 13.59
CA ASN A 228 -21.52 -14.49 14.55
C ASN A 228 -20.89 -13.19 14.13
N ILE A 229 -21.01 -12.18 14.98
CA ILE A 229 -20.46 -10.87 14.71
C ILE A 229 -19.05 -10.89 14.13
N HIS A 230 -18.37 -12.03 14.28
CA HIS A 230 -17.00 -12.15 13.79
C HIS A 230 -16.85 -12.91 12.47
N ALA A 231 -17.80 -13.78 12.17
CA ALA A 231 -17.74 -14.56 10.94
C ALA A 231 -18.27 -13.81 9.75
N VAL A 232 -18.96 -12.70 10.00
CA VAL A 232 -19.54 -11.91 8.91
C VAL A 232 -18.65 -11.66 7.72
N LEU A 233 -17.38 -11.33 7.97
CA LEU A 233 -16.48 -11.09 6.85
C LEU A 233 -16.29 -12.39 6.06
N LYS A 234 -15.84 -13.42 6.77
CA LYS A 234 -15.58 -14.71 6.19
C LYS A 234 -16.73 -15.27 5.38
N GLU A 235 -17.84 -15.54 6.07
CA GLU A 235 -19.05 -16.09 5.45
C GLU A 235 -19.69 -15.19 4.37
N ASN A 236 -20.31 -14.10 4.80
CA ASN A 236 -21.00 -13.20 3.90
C ASN A 236 -20.20 -12.58 2.76
N VAL A 237 -18.88 -12.72 2.74
CA VAL A 237 -18.11 -12.13 1.64
C VAL A 237 -16.96 -12.97 1.09
N ILE A 238 -16.12 -13.51 1.96
CA ILE A 238 -15.00 -14.32 1.50
C ILE A 238 -15.45 -15.66 0.92
N ASP A 239 -16.12 -16.46 1.74
CA ASP A 239 -16.61 -17.77 1.31
C ASP A 239 -17.20 -17.81 -0.09
N LYS A 240 -17.93 -16.76 -0.46
CA LYS A 240 -18.56 -16.67 -1.77
C LYS A 240 -17.60 -16.29 -2.91
N LEU A 241 -16.43 -15.78 -2.55
CA LEU A 241 -15.45 -15.36 -3.54
C LEU A 241 -14.18 -16.18 -3.58
N LYS A 242 -14.07 -17.15 -2.66
CA LYS A 242 -12.86 -17.95 -2.59
C LYS A 242 -12.46 -18.73 -3.83
N SER A 243 -13.40 -18.96 -4.74
CA SER A 243 -13.07 -19.72 -5.95
C SER A 243 -12.75 -18.76 -7.07
N ASP A 244 -12.90 -17.47 -6.82
CA ASP A 244 -12.67 -16.50 -7.86
C ASP A 244 -11.38 -15.68 -7.72
N TYR A 245 -10.65 -15.93 -6.63
CA TYR A 245 -9.39 -15.23 -6.36
C TYR A 245 -8.37 -16.16 -5.74
N ASP A 246 -7.10 -15.94 -6.06
CA ASP A 246 -6.00 -16.73 -5.49
C ASP A 246 -5.61 -16.17 -4.10
N PHE A 247 -5.43 -14.85 -4.06
CA PHE A 247 -5.09 -14.10 -2.85
C PHE A 247 -6.12 -13.00 -2.56
N ILE A 248 -6.58 -12.95 -1.30
CA ILE A 248 -7.54 -11.94 -0.87
C ILE A 248 -6.91 -11.14 0.28
N LEU A 249 -6.31 -10.00 -0.03
CA LEU A 249 -5.67 -9.16 0.98
C LEU A 249 -6.69 -8.35 1.77
N VAL A 250 -6.71 -8.52 3.08
CA VAL A 250 -7.63 -7.79 3.94
C VAL A 250 -6.88 -6.68 4.63
N ASP A 251 -7.41 -5.48 4.48
CA ASP A 251 -6.80 -4.28 5.03
C ASP A 251 -7.53 -3.69 6.21
N SER A 252 -7.03 -3.88 7.42
CA SER A 252 -7.72 -3.30 8.58
C SER A 252 -6.78 -3.04 9.76
N GLY A 253 -7.32 -2.48 10.85
CA GLY A 253 -6.49 -2.20 12.01
C GLY A 253 -7.14 -2.37 13.37
N PRO A 254 -6.44 -2.11 14.50
CA PRO A 254 -6.97 -2.24 15.86
C PRO A 254 -7.94 -1.12 16.26
N HIS A 255 -7.95 -0.02 15.49
CA HIS A 255 -8.84 1.09 15.79
C HIS A 255 -10.30 0.71 15.51
N LEU A 256 -10.55 -0.01 14.42
CA LEU A 256 -11.89 -0.48 14.11
C LEU A 256 -12.04 -1.88 14.70
N ASP A 257 -11.99 -1.99 16.03
CA ASP A 257 -12.09 -3.28 16.70
C ASP A 257 -12.92 -4.36 16.02
N ALA A 258 -14.14 -4.03 15.60
CA ALA A 258 -15.01 -5.01 14.95
C ALA A 258 -14.42 -5.54 13.63
N PHE A 259 -13.98 -4.65 12.76
CA PHE A 259 -13.41 -5.13 11.51
C PHE A 259 -12.13 -5.93 11.76
N LEU A 260 -11.42 -5.61 12.83
CA LEU A 260 -10.20 -6.32 13.15
C LEU A 260 -10.55 -7.77 13.48
N LYS A 261 -11.49 -7.97 14.40
CA LYS A 261 -11.90 -9.32 14.78
C LYS A 261 -12.47 -10.10 13.61
N ASN A 262 -13.10 -9.41 12.67
CA ASN A 262 -13.64 -10.09 11.52
C ASN A 262 -12.51 -10.52 10.58
N ALA A 263 -11.49 -9.68 10.46
CA ALA A 263 -10.35 -9.97 9.59
C ALA A 263 -9.54 -11.18 10.09
N LEU A 264 -9.32 -11.23 11.40
CA LEU A 264 -8.58 -12.34 11.96
C LEU A 264 -9.39 -13.60 11.69
N ALA A 265 -10.68 -13.50 12.00
CA ALA A 265 -11.62 -14.60 11.82
C ALA A 265 -11.66 -15.08 10.39
N SER A 266 -11.06 -14.32 9.48
CA SER A 266 -11.07 -14.68 8.07
C SER A 266 -9.67 -14.84 7.47
N ALA A 267 -8.64 -14.78 8.31
CA ALA A 267 -7.27 -14.85 7.80
C ALA A 267 -6.57 -16.16 8.01
N ASN A 268 -5.77 -16.54 7.02
CA ASN A 268 -4.99 -17.78 7.10
C ASN A 268 -3.63 -17.40 7.71
N ILE A 269 -2.98 -16.42 7.08
CA ILE A 269 -1.70 -15.89 7.53
C ILE A 269 -1.88 -14.39 7.79
N LEU A 270 -1.06 -13.82 8.65
CA LEU A 270 -1.18 -12.41 8.96
C LEU A 270 0.18 -11.70 9.03
N PHE A 271 0.28 -10.52 8.42
CA PHE A 271 1.53 -9.75 8.45
C PHE A 271 1.45 -8.50 9.30
N THR A 272 2.47 -8.27 10.12
CA THR A 272 2.51 -7.10 10.99
C THR A 272 3.66 -6.16 10.67
N PRO A 273 3.34 -4.93 10.22
CA PRO A 273 4.34 -3.92 9.86
C PRO A 273 4.91 -3.27 11.12
N LEU A 274 6.22 -3.27 11.22
CA LEU A 274 6.84 -2.67 12.38
C LEU A 274 7.33 -1.26 12.00
N PRO A 275 7.04 -0.28 12.87
CA PRO A 275 7.43 1.12 12.67
C PRO A 275 8.90 1.29 12.98
N PRO A 276 9.60 2.12 12.19
CA PRO A 276 11.02 2.33 12.46
C PRO A 276 11.32 3.46 13.44
N ALA A 277 10.47 3.58 14.47
CA ALA A 277 10.63 4.62 15.49
C ALA A 277 10.35 4.03 16.85
N THR A 278 11.26 4.25 17.80
CA THR A 278 11.11 3.71 19.14
C THR A 278 9.71 3.83 19.80
N VAL A 279 9.08 4.99 19.78
CA VAL A 279 7.76 5.02 20.44
C VAL A 279 6.69 4.24 19.67
N ASP A 280 6.65 4.37 18.35
CA ASP A 280 5.64 3.64 17.60
C ASP A 280 5.99 2.16 17.63
N PHE A 281 7.27 1.85 17.76
CA PHE A 281 7.65 0.45 17.81
C PHE A 281 7.05 -0.16 19.07
N HIS A 282 7.34 0.42 20.24
CA HIS A 282 6.80 -0.10 21.51
C HIS A 282 5.34 -0.53 21.33
N SER A 283 4.52 0.39 20.81
CA SER A 283 3.10 0.10 20.57
C SER A 283 2.98 -1.18 19.76
N SER A 284 3.59 -1.21 18.58
CA SER A 284 3.57 -2.40 17.74
C SER A 284 3.69 -3.62 18.60
N LEU A 285 4.78 -3.70 19.37
CA LEU A 285 5.01 -4.85 20.23
C LEU A 285 3.78 -5.14 21.06
N LYS A 286 3.18 -4.10 21.63
CA LYS A 286 1.99 -4.30 22.43
C LYS A 286 0.96 -5.09 21.63
N TYR A 287 0.72 -4.68 20.39
CA TYR A 287 -0.25 -5.33 19.53
C TYR A 287 0.16 -6.76 19.20
N VAL A 288 1.44 -6.99 18.90
CA VAL A 288 1.86 -8.35 18.61
C VAL A 288 1.58 -9.23 19.84
N ALA A 289 1.63 -8.61 21.01
CA ALA A 289 1.39 -9.32 22.24
C ALA A 289 -0.10 -9.65 22.47
N ARG A 290 -0.98 -8.78 22.00
CA ARG A 290 -2.41 -8.98 22.22
C ARG A 290 -3.08 -9.95 21.26
N LEU A 291 -2.54 -10.09 20.05
CA LEU A 291 -3.17 -10.97 19.07
C LEU A 291 -3.63 -12.33 19.59
N PRO A 292 -2.77 -13.11 20.29
CA PRO A 292 -3.23 -14.40 20.77
C PRO A 292 -4.46 -14.25 21.67
N GLU A 293 -4.47 -13.20 22.46
CA GLU A 293 -5.58 -12.93 23.36
C GLU A 293 -6.88 -12.74 22.56
N LEU A 294 -6.80 -12.00 21.46
CA LEU A 294 -7.94 -11.72 20.59
C LEU A 294 -8.35 -12.94 19.80
N VAL A 295 -7.37 -13.54 19.13
CA VAL A 295 -7.60 -14.73 18.33
C VAL A 295 -8.29 -15.79 19.15
N LYS A 296 -7.97 -15.83 20.44
CA LYS A 296 -8.61 -16.82 21.32
C LYS A 296 -10.09 -16.48 21.36
N LEU A 297 -10.42 -15.38 22.03
CA LEU A 297 -11.79 -14.91 22.14
C LEU A 297 -12.60 -15.15 20.84
N ILE A 298 -11.97 -15.01 19.67
CA ILE A 298 -12.63 -15.22 18.38
C ILE A 298 -13.12 -16.65 18.14
N SER A 299 -12.48 -17.64 18.74
CA SER A 299 -12.90 -19.02 18.55
C SER A 299 -13.90 -19.38 19.65
N ASP A 300 -13.66 -18.82 20.82
CA ASP A 300 -14.52 -19.07 21.98
C ASP A 300 -15.94 -18.55 21.82
N GLU A 301 -16.12 -17.56 20.94
CA GLU A 301 -17.45 -17.01 20.72
C GLU A 301 -18.06 -17.52 19.43
N GLY A 302 -17.33 -18.36 18.72
CA GLY A 302 -17.86 -18.89 17.48
C GLY A 302 -17.01 -19.89 16.74
N CYS A 303 -16.59 -19.52 15.54
CA CYS A 303 -15.78 -20.38 14.68
C CYS A 303 -14.33 -20.56 15.12
N GLU A 304 -13.93 -21.81 15.37
CA GLU A 304 -12.55 -22.05 15.74
C GLU A 304 -11.76 -22.03 14.45
N CYS A 305 -11.58 -20.82 13.90
CA CYS A 305 -10.82 -20.64 12.68
C CYS A 305 -9.36 -20.48 13.12
N GLN A 306 -8.48 -21.23 12.46
CA GLN A 306 -7.07 -21.22 12.82
C GLN A 306 -6.22 -20.09 12.22
N LEU A 307 -5.82 -19.15 13.06
CA LEU A 307 -4.92 -18.07 12.64
C LEU A 307 -3.61 -18.62 13.19
N ALA A 308 -2.77 -19.11 12.29
CA ALA A 308 -1.51 -19.72 12.69
C ALA A 308 -0.31 -18.82 12.86
N THR A 309 0.08 -18.20 11.76
CA THR A 309 1.25 -17.36 11.69
C THR A 309 1.07 -15.88 11.83
N ASN A 310 2.18 -15.20 12.12
CA ASN A 310 2.24 -13.75 12.23
C ASN A 310 3.63 -13.35 11.76
N ILE A 311 3.83 -13.24 10.44
CA ILE A 311 5.10 -12.86 9.84
C ILE A 311 5.27 -11.37 10.03
N GLY A 312 6.49 -10.92 10.23
CA GLY A 312 6.72 -9.50 10.43
C GLY A 312 7.64 -8.83 9.43
N PHE A 313 7.56 -7.51 9.34
CA PHE A 313 8.42 -6.80 8.42
C PHE A 313 8.54 -5.37 8.86
N MET A 314 9.54 -4.67 8.32
CA MET A 314 9.72 -3.30 8.70
C MET A 314 9.29 -2.39 7.58
N SER A 315 8.59 -1.33 7.94
CA SER A 315 8.14 -0.40 6.95
C SER A 315 9.18 0.67 6.84
N LYS A 316 9.06 1.52 5.84
CA LYS A 316 10.03 2.58 5.64
C LYS A 316 9.29 3.85 5.22
N LEU A 317 9.96 4.99 5.31
CA LEU A 317 9.40 6.27 4.91
C LEU A 317 10.59 7.17 4.64
N SER A 318 11.25 6.96 3.51
CA SER A 318 12.42 7.74 3.21
C SER A 318 12.54 8.08 1.73
N ASN A 319 13.22 7.22 1.00
CA ASN A 319 13.43 7.43 -0.42
C ASN A 319 14.35 8.62 -0.69
N LYS A 320 15.62 8.49 -0.33
CA LYS A 320 16.61 9.54 -0.55
C LYS A 320 16.44 10.21 -1.90
N ALA A 321 15.98 9.46 -2.90
CA ALA A 321 15.80 10.05 -4.23
C ALA A 321 14.81 11.20 -4.15
N ASP A 322 13.67 10.90 -3.54
CA ASP A 322 12.58 11.85 -3.35
C ASP A 322 13.03 13.04 -2.50
N HIS A 323 13.75 12.76 -1.42
CA HIS A 323 14.23 13.84 -0.57
C HIS A 323 15.09 14.78 -1.43
N LYS A 324 16.04 14.21 -2.18
CA LYS A 324 16.94 15.00 -3.03
C LYS A 324 16.16 15.82 -4.04
N TYR A 325 15.31 15.15 -4.82
CA TYR A 325 14.49 15.86 -5.81
C TYR A 325 13.75 17.04 -5.18
N CYS A 326 12.94 16.72 -4.17
CA CYS A 326 12.18 17.73 -3.42
C CYS A 326 13.09 18.82 -2.91
N HIS A 327 14.24 18.41 -2.38
CA HIS A 327 15.18 19.38 -1.88
C HIS A 327 15.45 20.36 -2.99
N SER A 328 16.01 19.85 -4.08
CA SER A 328 16.33 20.63 -5.25
C SER A 328 15.24 21.64 -5.65
N LEU A 329 13.99 21.17 -5.80
CA LEU A 329 12.90 22.09 -6.15
C LEU A 329 12.72 23.17 -5.09
N ALA A 330 12.92 22.81 -3.82
CA ALA A 330 12.80 23.77 -2.74
C ALA A 330 13.81 24.90 -2.94
N LYS A 331 15.05 24.54 -3.24
CA LYS A 331 16.10 25.53 -3.48
C LYS A 331 15.74 26.40 -4.68
N GLU A 332 15.20 25.81 -5.74
CA GLU A 332 14.79 26.60 -6.90
C GLU A 332 13.76 27.67 -6.51
N VAL A 333 12.86 27.32 -5.61
CA VAL A 333 11.84 28.26 -5.16
C VAL A 333 12.36 29.30 -4.15
N PHE A 334 12.82 28.82 -3.00
CA PHE A 334 13.32 29.71 -1.95
C PHE A 334 14.73 30.28 -2.15
N GLY A 335 15.43 29.77 -3.15
CA GLY A 335 16.77 30.26 -3.37
C GLY A 335 17.63 30.29 -2.11
N GLY A 336 18.00 31.49 -1.68
CA GLY A 336 18.85 31.64 -0.52
C GLY A 336 18.12 31.81 0.79
N ASP A 337 16.80 31.73 0.74
CA ASP A 337 16.04 31.86 1.97
C ASP A 337 15.56 30.47 2.36
N MET A 338 16.51 29.55 2.41
CA MET A 338 16.24 28.18 2.76
C MET A 338 17.42 27.63 3.51
N LEU A 339 17.26 27.43 4.81
CA LEU A 339 18.36 26.91 5.63
C LEU A 339 19.02 25.66 5.02
N ASP A 340 20.32 25.54 5.20
CA ASP A 340 21.06 24.40 4.67
C ASP A 340 21.18 23.39 5.80
N VAL A 341 20.31 23.55 6.78
CA VAL A 341 20.28 22.66 7.91
C VAL A 341 18.84 22.15 7.89
N PHE A 342 18.67 20.83 8.03
CA PHE A 342 17.35 20.22 8.00
C PHE A 342 16.86 20.08 9.43
N LEU A 343 15.56 19.88 9.60
CA LEU A 343 14.97 19.71 10.93
C LEU A 343 14.80 18.20 11.09
N PRO A 344 15.40 17.64 12.15
CA PRO A 344 15.39 16.22 12.50
C PRO A 344 14.00 15.65 12.85
N ARG A 345 13.91 14.33 12.91
CA ARG A 345 12.65 13.69 13.29
C ARG A 345 12.71 13.84 14.79
N LEU A 346 11.80 14.62 15.37
CA LEU A 346 11.81 14.88 16.80
C LEU A 346 10.66 14.34 17.67
N ASP A 347 10.25 13.08 17.52
CA ASP A 347 9.13 12.63 18.35
C ASP A 347 8.94 11.13 18.63
N GLY A 348 9.74 10.28 18.00
CA GLY A 348 9.57 8.87 18.25
C GLY A 348 10.50 8.31 19.32
N PHE A 349 11.14 9.18 20.13
CA PHE A 349 12.08 8.72 21.17
C PHE A 349 11.50 8.67 22.59
N GLU A 350 11.17 9.85 23.12
CA GLU A 350 10.60 9.99 24.45
C GLU A 350 9.32 10.78 24.21
N ARG A 351 8.20 10.24 24.69
CA ARG A 351 6.91 10.93 24.52
C ARG A 351 7.10 12.39 24.92
N CYS A 352 6.14 13.26 24.59
CA CYS A 352 6.25 14.65 24.95
C CYS A 352 6.21 14.93 26.44
N GLY A 353 5.48 14.17 27.23
CA GLY A 353 5.60 14.61 28.59
C GLY A 353 4.42 14.67 29.57
N GLU A 354 4.35 15.85 30.19
CA GLU A 354 3.35 16.20 31.19
C GLU A 354 3.91 17.61 31.22
N SER A 355 5.23 17.64 31.41
CA SER A 355 5.97 18.86 31.28
C SER A 355 6.16 18.69 29.75
N PHE A 356 7.37 18.92 29.22
CA PHE A 356 7.54 18.75 27.76
C PHE A 356 8.91 18.16 27.40
N ASP A 357 9.02 16.83 27.51
CA ASP A 357 10.27 16.11 27.24
C ASP A 357 10.82 15.94 25.82
N THR A 358 11.61 16.91 25.36
CA THR A 358 12.19 16.86 24.03
C THR A 358 13.41 15.94 24.02
N VAL A 359 14.07 15.80 22.88
CA VAL A 359 15.29 15.00 22.82
C VAL A 359 16.36 15.82 23.53
N ILE A 360 16.03 17.09 23.75
CA ILE A 360 16.92 18.01 24.43
C ILE A 360 16.92 17.83 25.94
N SER A 361 15.78 17.41 26.49
CA SER A 361 15.63 17.17 27.93
C SER A 361 16.16 15.80 28.26
N ALA A 362 15.82 14.85 27.40
CA ALA A 362 16.24 13.46 27.56
C ALA A 362 17.66 13.30 28.03
N ASN A 363 17.83 12.75 29.23
CA ASN A 363 19.16 12.49 29.78
C ASN A 363 19.63 11.16 29.18
N PRO A 364 20.71 11.19 28.38
CA PRO A 364 21.20 9.95 27.77
C PRO A 364 21.57 8.76 28.67
N ALA A 365 21.24 8.84 29.96
CA ALA A 365 21.50 7.75 30.90
C ALA A 365 20.17 7.19 31.39
N THR A 366 19.17 8.06 31.33
CA THR A 366 17.78 7.78 31.69
C THR A 366 17.00 7.13 30.51
N TYR A 367 17.40 7.48 29.29
CA TYR A 367 16.77 7.01 28.07
C TYR A 367 17.05 5.53 27.83
N VAL A 368 15.98 4.74 27.67
CA VAL A 368 16.08 3.31 27.40
C VAL A 368 15.73 3.05 25.93
N GLY A 369 16.62 3.42 25.02
CA GLY A 369 16.41 3.22 23.61
C GLY A 369 17.74 3.27 22.89
N SER A 370 17.76 3.80 21.67
CA SER A 370 19.01 3.90 20.92
C SER A 370 19.73 5.19 21.31
N ALA A 371 20.80 5.08 22.10
CA ALA A 371 21.53 6.26 22.55
C ALA A 371 22.09 7.08 21.39
N ASP A 372 22.37 6.43 20.28
CA ASP A 372 22.89 7.17 19.14
C ASP A 372 21.76 7.87 18.43
N ALA A 373 20.62 7.20 18.31
CA ALA A 373 19.47 7.80 17.65
C ALA A 373 19.15 9.12 18.35
N LEU A 374 19.32 9.14 19.68
CA LEU A 374 19.02 10.31 20.51
C LEU A 374 20.11 11.37 20.39
N LYS A 375 21.36 10.92 20.26
CA LYS A 375 22.49 11.85 20.14
C LYS A 375 22.33 12.65 18.85
N ASN A 376 22.26 11.92 17.76
CA ASN A 376 22.09 12.50 16.43
C ASN A 376 20.95 13.51 16.38
N ALA A 377 19.82 13.13 16.95
CA ALA A 377 18.65 14.00 16.95
C ALA A 377 19.03 15.32 17.58
N ARG A 378 19.46 15.27 18.84
CA ARG A 378 19.83 16.47 19.57
C ARG A 378 20.84 17.30 18.78
N ILE A 379 21.94 16.68 18.37
CA ILE A 379 22.96 17.38 17.60
C ILE A 379 22.30 18.16 16.47
N ALA A 380 21.54 17.49 15.63
CA ALA A 380 20.91 18.19 14.53
C ALA A 380 19.90 19.23 15.00
N ALA A 381 19.19 18.92 16.09
CA ALA A 381 18.18 19.85 16.57
C ALA A 381 18.91 21.08 17.03
N GLU A 382 20.11 20.93 17.57
CA GLU A 382 20.84 22.14 17.98
C GLU A 382 21.30 22.89 16.72
N ASP A 383 21.90 22.17 15.77
CA ASP A 383 22.35 22.77 14.53
C ASP A 383 21.23 23.55 13.89
N PHE A 384 20.04 22.98 13.92
CA PHE A 384 18.92 23.69 13.33
C PHE A 384 18.66 24.92 14.18
N ALA A 385 18.72 24.70 15.49
CA ALA A 385 18.47 25.77 16.46
C ALA A 385 19.33 26.99 16.20
N LYS A 386 20.64 26.78 16.08
CA LYS A 386 21.53 27.91 15.84
C LYS A 386 21.27 28.57 14.48
N ALA A 387 21.24 27.77 13.41
CA ALA A 387 20.98 28.32 12.08
C ALA A 387 19.75 29.25 12.12
N VAL A 388 18.74 28.85 12.90
CA VAL A 388 17.52 29.63 13.04
C VAL A 388 17.86 30.96 13.70
N PHE A 389 18.56 30.87 14.81
CA PHE A 389 18.96 32.06 15.53
C PHE A 389 19.70 33.06 14.66
N ASP A 390 20.65 32.56 13.87
CA ASP A 390 21.46 33.39 12.99
C ASP A 390 20.71 34.08 11.85
N ARG A 391 19.96 33.33 11.05
CA ARG A 391 19.26 33.99 9.97
C ARG A 391 18.33 35.04 10.57
N ILE A 392 18.09 34.92 11.87
CA ILE A 392 17.22 35.85 12.59
C ILE A 392 18.05 37.10 12.86
N GLU A 393 19.21 36.92 13.50
CA GLU A 393 20.09 38.03 13.79
C GLU A 393 20.30 38.84 12.52
N PHE A 394 20.91 38.20 11.53
CA PHE A 394 21.17 38.85 10.26
C PHE A 394 19.97 39.66 9.75
N ILE A 395 18.76 39.20 10.06
CA ILE A 395 17.56 39.91 9.62
C ILE A 395 17.19 41.04 10.56
N ARG A 396 17.32 40.78 11.85
CA ARG A 396 16.99 41.80 12.82
C ARG A 396 17.97 42.96 12.68
N SER A 397 19.27 42.66 12.72
CA SER A 397 20.29 43.70 12.59
C SER A 397 20.23 44.47 11.26
N ASN A 398 20.82 43.91 10.21
CA ASN A 398 20.85 44.56 8.89
C ASN A 398 19.47 45.04 8.40
#